data_9R1Y
#
_entry.id   9R1Y
#
_cell.length_a   113.772
_cell.length_b   104.174
_cell.length_c   71.286
_cell.angle_alpha   90.000
_cell.angle_beta   115.309
_cell.angle_gamma   90.000
#
_symmetry.space_group_name_H-M   'C 1 2 1'
#
loop_
_entity.id
_entity.type
_entity.pdbx_description
1 polymer 'Serine/threonine-protein kinase PLK1'
2 non-polymer 5-[6-[(4-methylpiperazin-1-yl)methyl]benzimidazol-1-yl]-3-[(1~{R})-1-[2-(trifluoromethyl)phenyl]ethoxy]thiophene-2-carboxamide
3 non-polymer 'SULFATE ION'
4 non-polymer 'CHLORIDE ION'
5 non-polymer GLYCEROL
6 water water
#
_entity_poly.entity_id   1
_entity_poly.type   'polypeptide(L)'
_entity_poly.pdbx_seq_one_letter_code
;GSGKAGVPGVAAPGAPAAAPPAKEIPEVLVDPRSRRRYVRGRFLGKGGFAKCFEISDADTKEVFAGKIVPKSLLLKPHQR
EKMSMEISIHRSLAHQHVVGFHGFFEDNDFVFVVLELCRRRSLLELHKRRKALTEPEARYYLRQIVLGCQYLHRNRVIHR
DLKLGNLFLNEDLEVKIGDFGLATKVEYDGERKKTLCGTPNYIAPEVLSDAGHSFEVDVWSIGCIMYTLLVGKPPFETSC
LKETYLRIKKNEYSIPKHINPVAASLIQKMLQTDPTARPTINELLNDEFFTSGYIPARLPITCLTIPPRFSIAPSSLDPS
NRKPL
;
_entity_poly.pdbx_strand_id   AAA,BBB
#
# COMPACT_ATOMS: atom_id res chain seq x y z
N LYS A 23 -33.83 20.06 -14.85
CA LYS A 23 -34.33 20.13 -13.44
C LYS A 23 -33.13 20.13 -12.48
N GLU A 24 -32.98 21.21 -11.70
CA GLU A 24 -31.90 21.37 -10.69
C GLU A 24 -32.20 20.48 -9.48
N ILE A 25 -31.15 19.98 -8.82
CA ILE A 25 -31.25 19.14 -7.59
C ILE A 25 -31.41 20.07 -6.38
N PRO A 26 -32.35 19.79 -5.45
CA PRO A 26 -32.53 20.65 -4.28
C PRO A 26 -31.27 20.78 -3.41
N GLU A 27 -31.07 21.94 -2.79
CA GLU A 27 -29.93 22.24 -1.88
C GLU A 27 -30.10 21.43 -0.59
N VAL A 28 -31.33 21.34 -0.09
CA VAL A 28 -31.74 20.50 1.08
C VAL A 28 -32.75 19.46 0.59
N LEU A 29 -32.59 18.21 1.03
CA LEU A 29 -33.44 17.05 0.65
C LEU A 29 -34.40 16.74 1.82
N VAL A 30 -35.71 16.89 1.59
CA VAL A 30 -36.77 16.71 2.64
C VAL A 30 -37.57 15.43 2.32
N ASP A 31 -37.81 14.60 3.35
CA ASP A 31 -38.65 13.37 3.27
C ASP A 31 -40.07 13.73 3.68
N PRO A 32 -41.08 13.59 2.77
CA PRO A 32 -42.47 13.84 3.12
C PRO A 32 -42.94 13.10 4.39
N ARG A 33 -42.61 11.81 4.51
CA ARG A 33 -43.06 10.92 5.62
C ARG A 33 -42.42 11.34 6.96
N SER A 34 -41.22 10.84 7.29
CA SER A 34 -40.55 10.99 8.61
C SER A 34 -40.11 12.45 8.86
N ARG A 35 -40.37 13.35 7.89
CA ARG A 35 -39.97 14.78 7.93
C ARG A 35 -38.48 14.92 8.22
N ARG A 36 -37.68 13.95 7.77
CA ARG A 36 -36.20 13.95 7.89
C ARG A 36 -35.64 14.84 6.77
N ARG A 37 -34.61 15.64 7.07
CA ARG A 37 -34.04 16.65 6.15
C ARG A 37 -32.51 16.53 6.12
N TYR A 38 -31.93 16.43 4.92
CA TYR A 38 -30.48 16.27 4.67
C TYR A 38 -29.95 17.44 3.85
N VAL A 39 -28.73 17.90 4.16
CA VAL A 39 -28.02 19.01 3.45
C VAL A 39 -27.07 18.40 2.42
N ARG A 40 -27.28 18.73 1.13
CA ARG A 40 -26.48 18.21 -0.01
C ARG A 40 -25.05 18.76 0.11
N GLY A 41 -24.10 17.90 0.50
CA GLY A 41 -22.68 18.25 0.69
C GLY A 41 -21.86 18.00 -0.55
N ARG A 42 -20.61 17.56 -0.38
CA ARG A 42 -19.60 17.36 -1.45
C ARG A 42 -20.12 16.35 -2.49
N PHE A 43 -19.85 16.61 -3.78
CA PHE A 43 -20.11 15.68 -4.90
C PHE A 43 -19.12 14.52 -4.83
N LEU A 44 -19.62 13.28 -4.93
CA LEU A 44 -18.82 12.03 -4.81
C LEU A 44 -18.59 11.39 -6.19
N GLY A 45 -19.56 11.50 -7.10
CA GLY A 45 -19.47 10.97 -8.48
C GLY A 45 -20.83 10.63 -9.05
N LYS A 46 -20.87 10.17 -10.30
CA LYS A 46 -22.12 9.75 -11.01
C LYS A 46 -21.98 8.29 -11.43
N GLY A 47 -23.05 7.51 -11.25
CA GLY A 47 -23.17 6.12 -11.72
C GLY A 47 -24.12 6.01 -12.90
N GLY A 48 -23.61 6.27 -14.11
CA GLY A 48 -24.37 6.25 -15.37
C GLY A 48 -25.48 7.29 -15.36
N PHE A 49 -26.68 6.89 -14.92
CA PHE A 49 -27.92 7.71 -14.93
C PHE A 49 -28.05 8.49 -13.61
N ALA A 50 -27.47 7.96 -12.53
CA ALA A 50 -27.57 8.50 -11.14
C ALA A 50 -26.38 9.40 -10.82
N LYS A 51 -26.58 10.37 -9.93
CA LYS A 51 -25.53 11.23 -9.34
C LYS A 51 -25.51 10.99 -7.83
N CYS A 52 -24.31 10.97 -7.23
CA CYS A 52 -24.09 10.65 -5.79
C CYS A 52 -23.44 11.84 -5.09
N PHE A 53 -23.97 12.22 -3.92
CA PHE A 53 -23.51 13.36 -3.09
C PHE A 53 -23.33 12.91 -1.64
N GLU A 54 -22.30 13.43 -0.98
CA GLU A 54 -22.13 13.37 0.50
C GLU A 54 -23.23 14.24 1.11
N ILE A 55 -24.11 13.66 1.93
CA ILE A 55 -25.26 14.37 2.58
C ILE A 55 -25.20 14.14 4.09
N SER A 56 -25.70 15.10 4.87
CA SER A 56 -25.67 15.10 6.35
C SER A 56 -27.05 15.47 6.91
N ASP A 57 -27.57 14.66 7.82
CA ASP A 57 -28.83 14.91 8.59
C ASP A 57 -28.63 16.20 9.40
N ALA A 58 -29.45 17.22 9.12
CA ALA A 58 -29.37 18.57 9.74
C ALA A 58 -29.52 18.47 11.27
N ASP A 59 -30.27 17.47 11.76
CA ASP A 59 -30.57 17.26 13.20
C ASP A 59 -29.39 16.54 13.88
N THR A 60 -29.09 15.30 13.46
CA THR A 60 -28.11 14.39 14.12
C THR A 60 -26.67 14.70 13.67
N LYS A 61 -26.51 15.32 12.49
CA LYS A 61 -25.21 15.68 11.86
C LYS A 61 -24.52 14.42 11.29
N GLU A 62 -25.23 13.29 11.20
CA GLU A 62 -24.70 12.00 10.69
C GLU A 62 -24.62 12.08 9.16
N VAL A 63 -23.44 11.80 8.60
CA VAL A 63 -23.14 11.95 7.14
C VAL A 63 -23.39 10.62 6.43
N PHE A 64 -24.05 10.67 5.28
CA PHE A 64 -24.46 9.50 4.45
C PHE A 64 -24.05 9.73 2.98
N ALA A 65 -24.15 8.68 2.17
CA ALA A 65 -23.99 8.73 0.69
C ALA A 65 -25.38 8.78 0.05
N GLY A 66 -25.76 9.93 -0.51
CA GLY A 66 -27.06 10.16 -1.16
C GLY A 66 -27.01 9.86 -2.65
N LYS A 67 -27.68 8.79 -3.09
CA LYS A 67 -27.90 8.46 -4.52
C LYS A 67 -29.16 9.19 -5.00
N ILE A 68 -29.04 10.00 -6.06
CA ILE A 68 -30.11 10.90 -6.58
C ILE A 68 -30.35 10.59 -8.06
N VAL A 69 -31.54 10.09 -8.41
CA VAL A 69 -31.94 9.65 -9.77
C VAL A 69 -33.04 10.58 -10.28
N PRO A 70 -32.85 11.26 -11.45
CA PRO A 70 -33.92 12.05 -12.05
C PRO A 70 -35.10 11.17 -12.48
N LYS A 71 -36.32 11.52 -12.04
CA LYS A 71 -37.56 10.76 -12.36
C LYS A 71 -37.90 10.91 -13.85
N SER A 72 -37.34 11.93 -14.51
CA SER A 72 -37.41 12.15 -15.98
C SER A 72 -36.83 10.94 -16.73
N LEU A 73 -35.78 10.31 -16.18
CA LEU A 73 -35.06 9.17 -16.81
C LEU A 73 -35.70 7.84 -16.39
N LEU A 74 -36.74 7.86 -15.56
CA LEU A 74 -37.47 6.65 -15.08
CA LEU A 74 -37.47 6.65 -15.08
C LEU A 74 -38.82 6.52 -15.81
N LEU A 75 -39.12 7.44 -16.74
CA LEU A 75 -40.40 7.47 -17.50
C LEU A 75 -40.60 6.16 -18.27
N LYS A 76 -39.52 5.51 -18.71
CA LYS A 76 -39.56 4.19 -19.38
CA LYS A 76 -39.56 4.19 -19.38
C LYS A 76 -39.86 3.12 -18.31
N PRO A 77 -41.05 2.47 -18.35
CA PRO A 77 -41.41 1.47 -17.33
C PRO A 77 -40.31 0.46 -16.97
N HIS A 78 -39.52 0.03 -17.95
CA HIS A 78 -38.42 -0.97 -17.82
CA HIS A 78 -38.43 -0.98 -17.81
C HIS A 78 -37.31 -0.42 -16.93
N GLN A 79 -37.24 0.90 -16.74
CA GLN A 79 -36.28 1.59 -15.84
C GLN A 79 -36.87 1.67 -14.43
N ARG A 80 -38.19 1.84 -14.31
CA ARG A 80 -38.93 1.86 -13.01
C ARG A 80 -38.78 0.48 -12.34
N GLU A 81 -38.87 -0.60 -13.14
CA GLU A 81 -38.69 -2.00 -12.65
C GLU A 81 -37.29 -2.10 -12.03
N LYS A 82 -36.26 -1.65 -12.78
CA LYS A 82 -34.83 -1.70 -12.40
C LYS A 82 -34.60 -0.96 -11.07
N MET A 83 -35.15 0.25 -10.95
CA MET A 83 -35.00 1.13 -9.75
C MET A 83 -35.70 0.49 -8.55
N SER A 84 -36.96 0.06 -8.71
CA SER A 84 -37.78 -0.53 -7.63
C SER A 84 -37.15 -1.84 -7.14
N MET A 85 -36.60 -2.64 -8.08
CA MET A 85 -35.99 -3.97 -7.79
C MET A 85 -34.67 -3.76 -7.02
N GLU A 86 -33.87 -2.77 -7.45
CA GLU A 86 -32.59 -2.38 -6.79
C GLU A 86 -32.87 -2.05 -5.31
N ILE A 87 -33.86 -1.19 -5.06
CA ILE A 87 -34.25 -0.70 -3.71
C ILE A 87 -34.78 -1.89 -2.88
N SER A 88 -35.71 -2.65 -3.45
CA SER A 88 -36.34 -3.84 -2.80
C SER A 88 -35.26 -4.80 -2.27
N ILE A 89 -34.25 -5.09 -3.10
CA ILE A 89 -33.15 -6.03 -2.77
C ILE A 89 -32.24 -5.38 -1.72
N HIS A 90 -31.77 -4.16 -1.96
CA HIS A 90 -30.77 -3.46 -1.12
C HIS A 90 -31.32 -3.21 0.29
N ARG A 91 -32.61 -2.86 0.41
CA ARG A 91 -33.24 -2.50 1.72
C ARG A 91 -33.38 -3.74 2.59
N SER A 92 -33.41 -4.95 1.99
CA SER A 92 -33.59 -6.24 2.71
C SER A 92 -32.26 -6.77 3.23
N LEU A 93 -31.12 -6.19 2.80
CA LEU A 93 -29.75 -6.67 3.14
C LEU A 93 -29.22 -5.92 4.36
N ALA A 94 -28.51 -6.63 5.25
CA ALA A 94 -27.78 -6.09 6.42
C ALA A 94 -26.60 -7.02 6.76
N HIS A 95 -25.39 -6.61 6.38
CA HIS A 95 -24.12 -7.36 6.59
C HIS A 95 -22.96 -6.35 6.60
N GLN A 96 -21.90 -6.65 7.36
CA GLN A 96 -20.75 -5.71 7.57
C GLN A 96 -19.92 -5.58 6.28
N HIS A 97 -20.15 -6.45 5.28
CA HIS A 97 -19.47 -6.41 3.95
C HIS A 97 -20.48 -6.06 2.87
N VAL A 98 -21.60 -5.44 3.24
CA VAL A 98 -22.61 -4.87 2.28
C VAL A 98 -22.93 -3.43 2.71
N VAL A 99 -22.91 -2.51 1.75
CA VAL A 99 -23.25 -1.07 1.96
C VAL A 99 -24.60 -1.01 2.67
N GLY A 100 -24.64 -0.39 3.86
CA GLY A 100 -25.87 -0.16 4.63
C GLY A 100 -26.88 0.67 3.85
N PHE A 101 -28.16 0.29 3.94
CA PHE A 101 -29.33 1.02 3.36
C PHE A 101 -30.13 1.65 4.49
N HIS A 102 -30.11 2.98 4.60
CA HIS A 102 -30.65 3.75 5.76
C HIS A 102 -32.04 4.31 5.43
N GLY A 103 -32.47 4.25 4.18
CA GLY A 103 -33.83 4.62 3.75
C GLY A 103 -33.85 5.24 2.38
N PHE A 104 -35.05 5.38 1.80
CA PHE A 104 -35.29 6.06 0.49
C PHE A 104 -36.56 6.92 0.59
N PHE A 105 -36.69 7.88 -0.32
CA PHE A 105 -37.87 8.77 -0.47
C PHE A 105 -37.78 9.49 -1.82
N GLU A 106 -38.80 10.27 -2.18
CA GLU A 106 -38.87 10.97 -3.49
C GLU A 106 -39.68 12.26 -3.35
N ASP A 107 -39.33 13.26 -4.18
CA ASP A 107 -40.22 14.40 -4.54
C ASP A 107 -40.74 14.13 -5.95
N ASN A 108 -41.31 15.14 -6.63
CA ASN A 108 -41.98 14.98 -7.94
C ASN A 108 -40.95 14.93 -9.08
N ASP A 109 -39.68 15.27 -8.81
CA ASP A 109 -38.61 15.41 -9.83
C ASP A 109 -37.53 14.34 -9.67
N PHE A 110 -37.26 13.86 -8.44
CA PHE A 110 -36.11 12.98 -8.12
C PHE A 110 -36.51 11.88 -7.12
N VAL A 111 -35.77 10.76 -7.17
CA VAL A 111 -35.79 9.68 -6.14
C VAL A 111 -34.48 9.75 -5.35
N PHE A 112 -34.57 9.78 -4.02
CA PHE A 112 -33.41 9.91 -3.09
C PHE A 112 -33.22 8.61 -2.32
N VAL A 113 -32.02 8.02 -2.41
CA VAL A 113 -31.63 6.78 -1.66
C VAL A 113 -30.46 7.12 -0.74
N VAL A 114 -30.62 6.88 0.56
CA VAL A 114 -29.65 7.20 1.65
C VAL A 114 -28.86 5.92 1.99
N LEU A 115 -27.56 5.92 1.71
CA LEU A 115 -26.67 4.72 1.85
C LEU A 115 -25.51 5.05 2.78
N GLU A 116 -24.88 4.00 3.34
CA GLU A 116 -23.65 4.09 4.16
C GLU A 116 -22.58 4.83 3.36
N LEU A 117 -21.89 5.78 4.00
CA LEU A 117 -20.74 6.52 3.40
C LEU A 117 -19.47 5.69 3.62
N CYS A 118 -18.79 5.34 2.53
CA CYS A 118 -17.49 4.60 2.50
C CYS A 118 -16.40 5.58 2.08
N ARG A 119 -15.71 6.18 3.08
CA ARG A 119 -14.91 7.43 2.92
C ARG A 119 -13.68 7.21 2.01
N ARG A 120 -13.25 5.96 1.80
CA ARG A 120 -12.06 5.63 0.96
C ARG A 120 -12.51 5.09 -0.40
N ARG A 121 -13.69 5.50 -0.87
CA ARG A 121 -14.18 5.27 -2.26
C ARG A 121 -14.25 3.76 -2.52
N SER A 122 -13.55 3.23 -3.53
CA SER A 122 -13.67 1.81 -3.97
C SER A 122 -12.31 1.26 -4.43
N LEU A 123 -12.27 -0.05 -4.68
CA LEU A 123 -11.06 -0.77 -5.15
C LEU A 123 -10.62 -0.28 -6.53
N LEU A 124 -11.52 0.36 -7.29
CA LEU A 124 -11.17 0.92 -8.64
C LEU A 124 -10.11 2.01 -8.47
N GLU A 125 -10.31 2.91 -7.51
CA GLU A 125 -9.40 4.07 -7.25
C GLU A 125 -8.06 3.56 -6.74
N LEU A 126 -8.10 2.58 -5.83
CA LEU A 126 -6.90 1.88 -5.29
C LEU A 126 -6.11 1.27 -6.45
N HIS A 127 -6.78 0.46 -7.28
CA HIS A 127 -6.17 -0.28 -8.43
C HIS A 127 -5.56 0.72 -9.43
N LYS A 128 -6.20 1.87 -9.66
CA LYS A 128 -5.71 2.89 -10.62
C LYS A 128 -4.39 3.48 -10.10
N ARG A 129 -4.24 3.58 -8.78
CA ARG A 129 -3.08 4.24 -8.12
C ARG A 129 -1.95 3.22 -7.93
N ARG A 130 -2.28 2.02 -7.45
CA ARG A 130 -1.31 0.97 -7.00
C ARG A 130 -1.02 -0.01 -8.14
N LYS A 131 -1.97 -0.23 -9.04
CA LYS A 131 -1.95 -1.32 -10.05
C LYS A 131 -1.91 -2.66 -9.30
N ALA A 132 -0.97 -3.55 -9.62
CA ALA A 132 -0.88 -4.90 -9.01
C ALA A 132 -0.62 -4.76 -7.50
N LEU A 133 -1.49 -5.34 -6.68
CA LEU A 133 -1.33 -5.41 -5.21
C LEU A 133 -0.36 -6.55 -4.87
N THR A 134 0.16 -6.57 -3.64
CA THR A 134 0.85 -7.74 -3.05
C THR A 134 -0.20 -8.82 -2.78
N GLU A 135 0.22 -10.09 -2.67
CA GLU A 135 -0.69 -11.25 -2.50
C GLU A 135 -1.47 -11.11 -1.19
N PRO A 136 -0.82 -10.74 -0.06
CA PRO A 136 -1.54 -10.55 1.21
C PRO A 136 -2.66 -9.50 1.14
N GLU A 137 -2.41 -8.37 0.48
CA GLU A 137 -3.42 -7.30 0.22
C GLU A 137 -4.58 -7.90 -0.60
N ALA A 138 -4.25 -8.53 -1.74
CA ALA A 138 -5.24 -9.20 -2.62
C ALA A 138 -6.11 -10.13 -1.78
N ARG A 139 -5.48 -10.98 -0.97
CA ARG A 139 -6.14 -12.01 -0.13
C ARG A 139 -7.03 -11.33 0.93
N TYR A 140 -6.55 -10.26 1.56
CA TYR A 140 -7.28 -9.45 2.56
C TYR A 140 -8.60 -8.96 1.95
N TYR A 141 -8.53 -8.30 0.78
CA TYR A 141 -9.70 -7.71 0.08
C TYR A 141 -10.64 -8.82 -0.41
N LEU A 142 -10.07 -9.85 -1.05
CA LEU A 142 -10.85 -10.95 -1.69
C LEU A 142 -11.65 -11.73 -0.64
N ARG A 143 -11.11 -11.94 0.55
CA ARG A 143 -11.79 -12.71 1.63
C ARG A 143 -13.08 -11.97 2.02
N GLN A 144 -13.02 -10.64 2.15
CA GLN A 144 -14.17 -9.80 2.53
C GLN A 144 -15.20 -9.80 1.39
N ILE A 145 -14.74 -9.70 0.14
CA ILE A 145 -15.61 -9.74 -1.07
C ILE A 145 -16.39 -11.06 -1.06
N VAL A 146 -15.72 -12.17 -0.76
CA VAL A 146 -16.33 -13.53 -0.74
C VAL A 146 -17.31 -13.64 0.43
N LEU A 147 -16.94 -13.14 1.62
CA LEU A 147 -17.82 -13.12 2.81
C LEU A 147 -19.12 -12.36 2.49
N GLY A 148 -19.01 -11.19 1.85
CA GLY A 148 -20.17 -10.38 1.43
C GLY A 148 -21.06 -11.14 0.46
N CYS A 149 -20.46 -11.77 -0.55
CA CYS A 149 -21.17 -12.53 -1.61
CA CYS A 149 -21.17 -12.53 -1.61
C CYS A 149 -21.81 -13.80 -1.03
N GLN A 150 -21.15 -14.42 -0.05
CA GLN A 150 -21.66 -15.62 0.67
C GLN A 150 -22.99 -15.27 1.34
N TYR A 151 -23.06 -14.10 2.01
CA TYR A 151 -24.28 -13.56 2.66
C TYR A 151 -25.37 -13.34 1.60
N LEU A 152 -25.03 -12.76 0.45
CA LEU A 152 -25.98 -12.50 -0.66
C LEU A 152 -26.58 -13.83 -1.14
N HIS A 153 -25.73 -14.80 -1.49
CA HIS A 153 -26.11 -16.12 -2.05
C HIS A 153 -26.96 -16.92 -1.06
N ARG A 154 -26.66 -16.82 0.23
CA ARG A 154 -27.44 -17.51 1.31
C ARG A 154 -28.84 -16.87 1.41
N ASN A 155 -28.96 -15.59 1.03
CA ASN A 155 -30.25 -14.85 1.00
C ASN A 155 -30.83 -14.85 -0.42
N ARG A 156 -30.41 -15.82 -1.26
CA ARG A 156 -30.93 -16.05 -2.63
C ARG A 156 -30.84 -14.76 -3.46
N VAL A 157 -29.72 -14.04 -3.38
CA VAL A 157 -29.46 -12.82 -4.20
C VAL A 157 -28.22 -13.07 -5.06
N ILE A 158 -28.32 -12.80 -6.36
CA ILE A 158 -27.19 -12.75 -7.34
C ILE A 158 -26.95 -11.27 -7.67
N HIS A 159 -25.73 -10.77 -7.47
CA HIS A 159 -25.36 -9.35 -7.73
C HIS A 159 -25.30 -9.09 -9.23
N ARG A 160 -24.59 -9.94 -9.99
CA ARG A 160 -24.52 -9.99 -11.47
C ARG A 160 -23.72 -8.81 -12.04
N ASP A 161 -23.11 -7.97 -11.20
CA ASP A 161 -22.29 -6.81 -11.67
C ASP A 161 -21.22 -6.44 -10.64
N LEU A 162 -20.59 -7.44 -10.00
CA LEU A 162 -19.44 -7.22 -9.10
C LEU A 162 -18.27 -6.69 -9.94
N LYS A 163 -17.76 -5.52 -9.58
CA LYS A 163 -16.56 -4.90 -10.20
C LYS A 163 -15.82 -4.07 -9.13
N LEU A 164 -14.61 -3.63 -9.42
CA LEU A 164 -13.76 -2.82 -8.48
C LEU A 164 -14.54 -1.57 -8.06
N GLY A 165 -15.35 -1.02 -8.97
CA GLY A 165 -16.02 0.29 -8.84
C GLY A 165 -17.18 0.27 -7.86
N ASN A 166 -17.74 -0.91 -7.53
CA ASN A 166 -18.86 -1.05 -6.56
C ASN A 166 -18.45 -1.94 -5.39
N LEU A 167 -17.15 -2.18 -5.23
CA LEU A 167 -16.54 -2.75 -3.99
C LEU A 167 -15.94 -1.58 -3.20
N PHE A 168 -16.76 -0.96 -2.35
CA PHE A 168 -16.44 0.30 -1.63
C PHE A 168 -15.57 -0.01 -0.41
N LEU A 169 -14.83 1.00 0.07
CA LEU A 169 -13.90 0.90 1.23
C LEU A 169 -14.24 1.98 2.26
N ASN A 170 -14.43 1.61 3.52
CA ASN A 170 -14.69 2.56 4.64
C ASN A 170 -13.35 3.04 5.20
N GLU A 171 -13.39 3.82 6.30
CA GLU A 171 -12.20 4.45 6.93
C GLU A 171 -11.16 3.37 7.27
N ASP A 172 -11.61 2.20 7.73
CA ASP A 172 -10.74 1.08 8.21
C ASP A 172 -10.38 0.15 7.05
N LEU A 173 -10.65 0.55 5.80
CA LEU A 173 -10.40 -0.25 4.57
C LEU A 173 -11.09 -1.61 4.67
N GLU A 174 -12.32 -1.64 5.18
CA GLU A 174 -13.22 -2.82 5.12
C GLU A 174 -14.04 -2.72 3.82
N VAL A 175 -14.15 -3.84 3.09
CA VAL A 175 -14.86 -3.89 1.78
C VAL A 175 -16.37 -3.90 2.07
N LYS A 176 -17.12 -3.10 1.31
CA LYS A 176 -18.60 -3.02 1.33
C LYS A 176 -19.12 -3.17 -0.10
N ILE A 177 -19.87 -4.24 -0.38
CA ILE A 177 -20.51 -4.47 -1.71
C ILE A 177 -21.72 -3.54 -1.82
N GLY A 178 -21.76 -2.70 -2.86
CA GLY A 178 -22.90 -1.81 -3.17
C GLY A 178 -23.36 -1.99 -4.60
N ASP A 179 -24.28 -1.13 -5.06
CA ASP A 179 -24.72 -1.01 -6.47
C ASP A 179 -25.42 -2.31 -6.90
N PHE A 180 -26.69 -2.48 -6.49
CA PHE A 180 -27.53 -3.66 -6.80
C PHE A 180 -28.41 -3.35 -8.01
N GLY A 181 -27.88 -2.58 -8.97
CA GLY A 181 -28.59 -2.10 -10.16
C GLY A 181 -28.98 -3.22 -11.11
N LEU A 182 -28.21 -4.31 -11.15
CA LEU A 182 -28.46 -5.50 -12.02
C LEU A 182 -28.81 -6.73 -11.19
N ALA A 183 -28.96 -6.58 -9.87
CA ALA A 183 -29.21 -7.72 -8.93
C ALA A 183 -30.61 -8.29 -9.16
N THR A 184 -30.75 -9.61 -9.00
CA THR A 184 -32.03 -10.36 -9.04
C THR A 184 -32.13 -11.27 -7.82
N LYS A 185 -33.35 -11.54 -7.36
CA LYS A 185 -33.65 -12.49 -6.25
C LYS A 185 -34.13 -13.81 -6.86
N VAL A 186 -33.53 -14.92 -6.42
CA VAL A 186 -33.87 -16.31 -6.85
C VAL A 186 -35.11 -16.76 -6.06
N GLU A 187 -36.17 -17.16 -6.76
CA GLU A 187 -37.50 -17.47 -6.15
CA GLU A 187 -37.50 -17.48 -6.16
C GLU A 187 -37.52 -18.94 -5.70
N TYR A 188 -36.72 -19.80 -6.34
CA TYR A 188 -36.50 -21.21 -5.92
C TYR A 188 -35.06 -21.65 -6.24
N ASP A 189 -34.62 -22.76 -5.65
CA ASP A 189 -33.18 -23.17 -5.49
C ASP A 189 -32.39 -23.04 -6.80
N GLY A 190 -32.75 -23.83 -7.83
CA GLY A 190 -31.95 -23.99 -9.07
C GLY A 190 -32.49 -23.16 -10.22
N GLU A 191 -33.20 -22.07 -9.92
CA GLU A 191 -33.80 -21.17 -10.94
C GLU A 191 -32.68 -20.51 -11.76
N ARG A 192 -32.81 -20.52 -13.08
CA ARG A 192 -31.85 -19.88 -14.03
C ARG A 192 -32.53 -18.68 -14.70
N LYS A 193 -31.81 -17.56 -14.79
CA LYS A 193 -32.32 -16.23 -15.24
C LYS A 193 -31.76 -15.92 -16.64
N LYS A 194 -32.49 -15.13 -17.43
CA LYS A 194 -32.10 -14.70 -18.81
C LYS A 194 -31.91 -13.18 -18.86
N THR A 195 -32.93 -12.42 -18.46
CA THR A 195 -33.02 -10.96 -18.74
C THR A 195 -32.15 -10.17 -17.76
N LEU A 196 -31.31 -9.28 -18.29
CA LEU A 196 -30.56 -8.23 -17.55
C LEU A 196 -31.01 -6.86 -18.05
N CYS A 197 -31.22 -5.90 -17.14
CA CYS A 197 -31.66 -4.52 -17.47
C CYS A 197 -30.45 -3.62 -17.76
N GLY A 198 -29.25 -4.20 -17.84
CA GLY A 198 -28.00 -3.50 -18.21
C GLY A 198 -26.90 -4.50 -18.54
N THR A 199 -25.70 -4.01 -18.86
CA THR A 199 -24.53 -4.81 -19.31
C THR A 199 -23.51 -4.92 -18.18
N PRO A 200 -23.37 -6.08 -17.51
CA PRO A 200 -22.35 -6.26 -16.48
C PRO A 200 -20.94 -5.93 -16.98
N ASN A 201 -20.06 -5.50 -16.08
CA ASN A 201 -18.65 -5.13 -16.40
C ASN A 201 -17.90 -6.40 -16.82
N TYR A 202 -17.97 -7.45 -16.00
CA TYR A 202 -17.39 -8.79 -16.27
C TYR A 202 -18.49 -9.73 -16.75
N ILE A 203 -18.66 -9.84 -18.07
CA ILE A 203 -19.69 -10.70 -18.74
C ILE A 203 -19.25 -12.16 -18.69
N ALA A 204 -19.87 -12.97 -17.84
CA ALA A 204 -19.67 -14.44 -17.79
C ALA A 204 -20.09 -15.05 -19.14
N PRO A 205 -19.43 -16.14 -19.58
CA PRO A 205 -19.73 -16.76 -20.88
C PRO A 205 -21.19 -17.20 -21.05
N GLU A 206 -21.88 -17.57 -19.97
CA GLU A 206 -23.30 -18.02 -19.99
C GLU A 206 -24.24 -16.83 -20.14
N VAL A 207 -23.79 -15.61 -19.82
CA VAL A 207 -24.56 -14.36 -20.01
C VAL A 207 -24.36 -13.90 -21.46
N LEU A 208 -23.13 -13.97 -21.97
CA LEU A 208 -22.77 -13.64 -23.39
C LEU A 208 -23.56 -14.53 -24.35
N SER A 209 -23.66 -15.83 -24.06
CA SER A 209 -24.30 -16.86 -24.93
C SER A 209 -25.81 -16.90 -24.71
N ASP A 210 -26.31 -16.19 -23.70
CA ASP A 210 -27.76 -16.09 -23.38
C ASP A 210 -28.30 -17.50 -23.09
N ALA A 211 -27.56 -18.28 -22.31
CA ALA A 211 -27.82 -19.71 -22.02
C ALA A 211 -28.66 -19.89 -20.74
N GLY A 212 -28.93 -18.80 -20.03
CA GLY A 212 -29.46 -18.82 -18.64
C GLY A 212 -28.31 -18.81 -17.64
N HIS A 213 -28.49 -18.20 -16.47
CA HIS A 213 -27.43 -18.04 -15.44
C HIS A 213 -28.03 -18.04 -14.04
N SER A 214 -27.18 -18.33 -13.04
CA SER A 214 -27.53 -18.39 -11.60
C SER A 214 -26.38 -17.76 -10.80
N PHE A 215 -26.13 -18.25 -9.58
CA PHE A 215 -25.15 -17.72 -8.60
C PHE A 215 -23.73 -17.74 -9.16
N GLU A 216 -23.45 -18.60 -10.15
CA GLU A 216 -22.07 -18.85 -10.66
C GLU A 216 -21.49 -17.60 -11.33
N VAL A 217 -22.31 -16.68 -11.85
CA VAL A 217 -21.82 -15.43 -12.52
C VAL A 217 -21.02 -14.61 -11.52
N ASP A 218 -21.43 -14.58 -10.25
CA ASP A 218 -20.76 -13.81 -9.17
C ASP A 218 -19.36 -14.37 -8.95
N VAL A 219 -19.19 -15.70 -8.99
CA VAL A 219 -17.87 -16.38 -8.81
C VAL A 219 -16.97 -16.05 -9.99
N TRP A 220 -17.52 -16.03 -11.22
CA TRP A 220 -16.80 -15.63 -12.46
C TRP A 220 -16.19 -14.23 -12.27
N SER A 221 -17.01 -13.25 -11.85
CA SER A 221 -16.60 -11.83 -11.71
C SER A 221 -15.55 -11.71 -10.60
N ILE A 222 -15.73 -12.45 -9.49
CA ILE A 222 -14.73 -12.55 -8.38
C ILE A 222 -13.43 -13.12 -8.94
N GLY A 223 -13.51 -14.06 -9.89
CA GLY A 223 -12.37 -14.59 -10.64
C GLY A 223 -11.64 -13.51 -11.43
N CYS A 224 -12.38 -12.67 -12.15
CA CYS A 224 -11.85 -11.54 -12.96
C CYS A 224 -11.22 -10.51 -12.02
N ILE A 225 -11.86 -10.25 -10.87
CA ILE A 225 -11.43 -9.25 -9.85
C ILE A 225 -10.11 -9.71 -9.23
N MET A 226 -10.05 -10.97 -8.80
CA MET A 226 -8.83 -11.57 -8.19
C MET A 226 -7.67 -11.41 -9.16
N TYR A 227 -7.87 -11.77 -10.42
CA TYR A 227 -6.85 -11.65 -11.51
C TYR A 227 -6.35 -10.20 -11.56
N THR A 228 -7.26 -9.23 -11.65
CA THR A 228 -6.95 -7.80 -11.83
C THR A 228 -6.10 -7.30 -10.65
N LEU A 229 -6.44 -7.70 -9.43
CA LEU A 229 -5.76 -7.26 -8.18
C LEU A 229 -4.31 -7.76 -8.15
N LEU A 230 -4.07 -9.01 -8.57
CA LEU A 230 -2.74 -9.67 -8.51
C LEU A 230 -1.89 -9.31 -9.74
N VAL A 231 -2.52 -9.16 -10.91
CA VAL A 231 -1.82 -8.98 -12.22
C VAL A 231 -1.70 -7.48 -12.54
N GLY A 232 -2.69 -6.68 -12.15
CA GLY A 232 -2.71 -5.22 -12.40
C GLY A 232 -3.39 -4.84 -13.71
N LYS A 233 -4.07 -5.79 -14.36
CA LYS A 233 -4.92 -5.51 -15.54
C LYS A 233 -5.97 -6.62 -15.68
N PRO A 234 -7.10 -6.37 -16.38
CA PRO A 234 -8.17 -7.36 -16.48
C PRO A 234 -7.76 -8.58 -17.30
N PRO A 235 -8.35 -9.77 -17.03
CA PRO A 235 -7.96 -10.99 -17.73
C PRO A 235 -8.36 -11.05 -19.22
N PHE A 236 -9.49 -10.45 -19.61
CA PHE A 236 -10.06 -10.57 -20.98
C PHE A 236 -10.03 -9.24 -21.73
N GLU A 237 -10.25 -8.11 -21.04
CA GLU A 237 -10.44 -6.77 -21.66
C GLU A 237 -9.26 -6.48 -22.61
N THR A 238 -9.56 -6.21 -23.88
CA THR A 238 -8.62 -5.73 -24.92
C THR A 238 -9.01 -4.30 -25.30
N SER A 239 -8.42 -3.74 -26.36
CA SER A 239 -8.70 -2.37 -26.86
C SER A 239 -10.07 -2.29 -27.56
N CYS A 240 -10.60 -3.41 -28.07
N CYS A 240 -10.59 -3.41 -28.06
CA CYS A 240 -11.92 -3.49 -28.76
CA CYS A 240 -11.91 -3.51 -28.76
C CYS A 240 -12.78 -4.59 -28.13
C CYS A 240 -12.78 -4.59 -28.12
N LEU A 241 -14.08 -4.31 -27.94
CA LEU A 241 -15.04 -5.21 -27.26
C LEU A 241 -15.28 -6.49 -28.06
N LYS A 242 -15.13 -6.45 -29.39
CA LYS A 242 -15.35 -7.62 -30.28
C LYS A 242 -14.35 -8.73 -29.92
N GLU A 243 -13.08 -8.37 -29.74
CA GLU A 243 -11.98 -9.31 -29.38
C GLU A 243 -12.15 -9.75 -27.92
N THR A 244 -12.54 -8.81 -27.05
CA THR A 244 -12.79 -9.06 -25.60
C THR A 244 -13.79 -10.20 -25.45
N TYR A 245 -14.93 -10.13 -26.14
CA TYR A 245 -16.08 -11.06 -26.00
C TYR A 245 -15.75 -12.39 -26.68
N LEU A 246 -14.92 -12.39 -27.72
CA LEU A 246 -14.44 -13.63 -28.39
C LEU A 246 -13.52 -14.40 -27.43
N ARG A 247 -12.67 -13.69 -26.69
CA ARG A 247 -11.72 -14.27 -25.70
C ARG A 247 -12.51 -14.92 -24.56
N ILE A 248 -13.59 -14.28 -24.11
CA ILE A 248 -14.48 -14.79 -23.02
C ILE A 248 -15.19 -16.06 -23.51
N LYS A 249 -15.76 -16.01 -24.72
CA LYS A 249 -16.47 -17.14 -25.36
C LYS A 249 -15.56 -18.38 -25.38
N LYS A 250 -14.31 -18.21 -25.82
CA LYS A 250 -13.33 -19.30 -26.03
C LYS A 250 -12.47 -19.52 -24.77
N ASN A 251 -12.68 -18.73 -23.72
CA ASN A 251 -11.96 -18.83 -22.41
C ASN A 251 -10.46 -18.61 -22.63
N GLU A 252 -10.10 -17.62 -23.45
CA GLU A 252 -8.69 -17.29 -23.82
C GLU A 252 -8.17 -16.19 -22.89
N TYR A 253 -7.30 -16.57 -21.96
CA TYR A 253 -6.59 -15.65 -21.02
C TYR A 253 -5.30 -16.34 -20.58
N SER A 254 -4.31 -15.55 -20.16
CA SER A 254 -2.95 -15.99 -19.79
C SER A 254 -2.61 -15.47 -18.39
N ILE A 255 -2.21 -16.37 -17.48
CA ILE A 255 -1.76 -16.03 -16.11
C ILE A 255 -0.25 -15.89 -16.14
N PRO A 256 0.32 -14.71 -15.81
CA PRO A 256 1.77 -14.52 -15.74
C PRO A 256 2.44 -15.54 -14.80
N LYS A 257 3.64 -16.01 -15.18
CA LYS A 257 4.41 -17.06 -14.44
C LYS A 257 4.80 -16.55 -13.05
N HIS A 258 4.82 -15.23 -12.85
CA HIS A 258 5.20 -14.59 -11.55
C HIS A 258 4.09 -14.78 -10.50
N ILE A 259 2.87 -15.11 -10.92
CA ILE A 259 1.73 -15.38 -9.99
C ILE A 259 2.02 -16.72 -9.28
N ASN A 260 1.74 -16.79 -7.98
CA ASN A 260 2.02 -17.97 -7.13
C ASN A 260 1.12 -19.12 -7.57
N PRO A 261 1.57 -20.39 -7.44
CA PRO A 261 0.83 -21.53 -7.98
C PRO A 261 -0.57 -21.71 -7.37
N VAL A 262 -0.72 -21.44 -6.07
CA VAL A 262 -2.01 -21.62 -5.33
C VAL A 262 -3.02 -20.58 -5.84
N ALA A 263 -2.59 -19.33 -6.01
CA ALA A 263 -3.40 -18.21 -6.55
C ALA A 263 -3.79 -18.50 -8.00
N ALA A 264 -2.81 -18.88 -8.83
CA ALA A 264 -2.98 -19.24 -10.25
C ALA A 264 -4.04 -20.33 -10.38
N SER A 265 -3.96 -21.35 -9.53
CA SER A 265 -4.89 -22.50 -9.46
C SER A 265 -6.32 -22.00 -9.21
N LEU A 266 -6.52 -21.13 -8.22
CA LEU A 266 -7.85 -20.64 -7.79
C LEU A 266 -8.49 -19.80 -8.91
N ILE A 267 -7.71 -18.98 -9.61
CA ILE A 267 -8.17 -18.18 -10.78
C ILE A 267 -8.68 -19.14 -11.86
N GLN A 268 -7.94 -20.22 -12.12
CA GLN A 268 -8.28 -21.23 -13.16
C GLN A 268 -9.60 -21.92 -12.82
N LYS A 269 -9.86 -22.16 -11.53
CA LYS A 269 -11.11 -22.81 -11.04
C LYS A 269 -12.31 -21.90 -11.31
N MET A 270 -12.17 -20.61 -11.01
CA MET A 270 -13.27 -19.61 -11.10
C MET A 270 -13.54 -19.26 -12.56
N LEU A 271 -12.50 -19.05 -13.37
CA LEU A 271 -12.61 -18.65 -14.79
C LEU A 271 -12.68 -19.90 -15.68
N GLN A 272 -13.79 -20.63 -15.59
CA GLN A 272 -14.12 -21.80 -16.45
C GLN A 272 -15.44 -21.53 -17.16
N THR A 273 -15.52 -21.90 -18.45
CA THR A 273 -16.71 -21.69 -19.32
C THR A 273 -17.92 -22.41 -18.72
N ASP A 274 -17.74 -23.65 -18.27
CA ASP A 274 -18.79 -24.47 -17.61
C ASP A 274 -19.10 -23.88 -16.24
N PRO A 275 -20.30 -23.30 -16.01
CA PRO A 275 -20.64 -22.73 -14.72
C PRO A 275 -20.66 -23.74 -13.56
N THR A 276 -21.01 -25.01 -13.87
CA THR A 276 -21.12 -26.11 -12.87
C THR A 276 -19.73 -26.54 -12.38
N ALA A 277 -18.68 -26.22 -13.14
CA ALA A 277 -17.27 -26.61 -12.88
C ALA A 277 -16.63 -25.66 -11.86
N ARG A 278 -17.16 -24.43 -11.73
CA ARG A 278 -16.61 -23.38 -10.83
C ARG A 278 -16.89 -23.73 -9.38
N PRO A 279 -16.08 -23.23 -8.42
CA PRO A 279 -16.41 -23.38 -7.01
C PRO A 279 -17.69 -22.61 -6.67
N THR A 280 -18.49 -23.13 -5.74
CA THR A 280 -19.55 -22.36 -5.05
C THR A 280 -18.87 -21.32 -4.17
N ILE A 281 -19.61 -20.34 -3.67
CA ILE A 281 -19.08 -19.24 -2.80
C ILE A 281 -18.60 -19.83 -1.47
N ASN A 282 -19.20 -20.95 -1.03
CA ASN A 282 -18.82 -21.63 0.25
CA ASN A 282 -18.82 -21.63 0.25
C ASN A 282 -17.50 -22.36 0.05
N GLU A 283 -17.32 -23.04 -1.08
CA GLU A 283 -16.07 -23.78 -1.43
C GLU A 283 -14.95 -22.78 -1.72
N LEU A 284 -15.30 -21.62 -2.30
CA LEU A 284 -14.35 -20.53 -2.64
C LEU A 284 -13.64 -20.09 -1.36
N LEU A 285 -14.39 -19.80 -0.30
CA LEU A 285 -13.88 -19.31 1.01
C LEU A 285 -12.94 -20.34 1.65
N ASN A 286 -13.19 -21.63 1.42
CA ASN A 286 -12.42 -22.76 2.03
C ASN A 286 -11.29 -23.20 1.08
N ASP A 287 -10.85 -22.35 0.15
CA ASP A 287 -9.73 -22.66 -0.76
C ASP A 287 -8.41 -22.48 -0.01
N GLU A 288 -7.37 -23.22 -0.40
CA GLU A 288 -6.00 -23.19 0.19
C GLU A 288 -5.46 -21.76 0.17
N PHE A 289 -5.80 -20.98 -0.86
CA PHE A 289 -5.40 -19.55 -1.03
C PHE A 289 -5.72 -18.76 0.25
N PHE A 290 -6.89 -19.03 0.86
CA PHE A 290 -7.39 -18.31 2.07
C PHE A 290 -6.95 -19.02 3.35
N THR A 291 -7.07 -20.35 3.40
CA THR A 291 -6.86 -21.16 4.62
C THR A 291 -5.36 -21.26 4.94
N SER A 292 -4.49 -21.29 3.92
CA SER A 292 -3.03 -21.53 4.07
C SER A 292 -2.22 -20.26 3.76
N GLY A 293 -2.87 -19.19 3.29
CA GLY A 293 -2.21 -17.92 2.94
C GLY A 293 -2.26 -16.92 4.08
N TYR A 294 -1.28 -16.03 4.17
CA TYR A 294 -1.21 -14.96 5.21
C TYR A 294 -2.27 -13.90 4.91
N ILE A 295 -3.21 -13.71 5.85
CA ILE A 295 -4.28 -12.67 5.79
C ILE A 295 -4.01 -11.66 6.91
N PRO A 296 -3.59 -10.42 6.58
CA PRO A 296 -3.46 -9.37 7.59
C PRO A 296 -4.80 -9.10 8.29
N ALA A 297 -4.76 -8.82 9.60
CA ALA A 297 -5.93 -8.43 10.43
C ALA A 297 -6.35 -7.01 10.04
N ARG A 298 -5.38 -6.11 9.86
CA ARG A 298 -5.57 -4.71 9.39
C ARG A 298 -4.61 -4.45 8.23
N LEU A 299 -4.91 -3.41 7.43
CA LEU A 299 -3.97 -2.80 6.45
C LEU A 299 -3.76 -1.35 6.88
N PRO A 300 -2.50 -0.83 6.84
CA PRO A 300 -2.25 0.57 7.15
C PRO A 300 -2.82 1.46 6.03
N ILE A 301 -3.18 2.70 6.35
CA ILE A 301 -3.90 3.64 5.44
C ILE A 301 -2.99 4.01 4.26
N THR A 302 -1.67 3.87 4.41
CA THR A 302 -0.64 4.13 3.37
C THR A 302 -0.80 3.16 2.19
N CYS A 303 -1.50 2.04 2.39
CA CYS A 303 -1.67 0.99 1.34
CA CYS A 303 -1.69 0.98 1.35
C CYS A 303 -2.50 1.53 0.17
N LEU A 304 -3.20 2.66 0.36
CA LEU A 304 -3.97 3.32 -0.73
C LEU A 304 -3.02 3.83 -1.81
N THR A 305 -1.77 4.18 -1.47
CA THR A 305 -0.83 4.90 -2.36
C THR A 305 0.53 4.20 -2.51
N ILE A 306 0.96 3.40 -1.52
CA ILE A 306 2.32 2.78 -1.53
C ILE A 306 2.24 1.35 -1.02
N PRO A 307 3.06 0.41 -1.56
CA PRO A 307 3.03 -1.00 -1.15
C PRO A 307 3.56 -1.20 0.26
N PRO A 308 2.82 -1.93 1.13
CA PRO A 308 3.26 -2.20 2.50
C PRO A 308 4.34 -3.30 2.59
N ARG A 309 5.07 -3.32 3.71
CA ARG A 309 6.10 -4.34 4.04
C ARG A 309 5.42 -5.57 4.66
N PHE A 310 5.80 -6.76 4.20
CA PHE A 310 5.40 -8.08 4.76
C PHE A 310 6.62 -9.01 4.78
N SER A 311 6.76 -9.81 5.84
CA SER A 311 7.80 -10.86 5.97
C SER A 311 7.54 -11.98 4.97
N ILE A 312 8.59 -12.66 4.52
CA ILE A 312 8.51 -13.87 3.64
C ILE A 312 7.68 -14.96 4.36
N ALA A 313 7.81 -15.04 5.69
CA ALA A 313 7.10 -16.01 6.56
C ALA A 313 6.53 -15.29 7.79
N PRO A 314 5.35 -14.63 7.67
CA PRO A 314 4.72 -13.95 8.81
C PRO A 314 4.19 -14.91 9.86
N SER A 315 4.53 -14.67 11.14
CA SER A 315 4.08 -15.47 12.31
CA SER A 315 4.11 -15.47 12.32
C SER A 315 3.49 -14.55 13.37
N SER A 316 2.38 -14.99 13.99
CA SER A 316 1.66 -14.27 15.08
C SER A 316 2.42 -14.42 16.40
N LEU A 317 3.68 -14.89 16.35
CA LEU A 317 4.61 -15.01 17.51
C LEU A 317 5.75 -14.00 17.33
N ASP A 318 5.45 -12.79 16.80
CA ASP A 318 6.43 -11.73 16.47
C ASP A 318 5.96 -10.39 17.04
N PRO A 319 6.87 -9.48 17.43
CA PRO A 319 6.50 -8.10 17.79
C PRO A 319 5.80 -7.36 16.64
N LYS B 23 15.72 -23.28 -2.85
CA LYS B 23 17.05 -23.10 -3.50
C LYS B 23 18.08 -22.69 -2.43
N GLU B 24 19.10 -23.53 -2.21
CA GLU B 24 20.18 -23.31 -1.22
C GLU B 24 21.12 -22.22 -1.73
N ILE B 25 21.69 -21.42 -0.83
CA ILE B 25 22.69 -20.35 -1.15
C ILE B 25 24.06 -21.03 -1.25
N PRO B 26 24.87 -20.74 -2.31
CA PRO B 26 26.19 -21.37 -2.45
C PRO B 26 27.12 -21.09 -1.25
N GLU B 27 27.98 -22.05 -0.92
CA GLU B 27 28.99 -21.94 0.17
C GLU B 27 30.06 -20.93 -0.25
N VAL B 28 30.47 -20.99 -1.52
CA VAL B 28 31.42 -20.01 -2.17
C VAL B 28 30.67 -19.31 -3.30
N LEU B 29 30.82 -17.98 -3.40
CA LEU B 29 30.16 -17.11 -4.41
C LEU B 29 31.16 -16.74 -5.50
N VAL B 30 30.91 -17.17 -6.74
CA VAL B 30 31.82 -16.99 -7.92
C VAL B 30 31.19 -15.98 -8.88
N ASP B 31 32.00 -15.03 -9.37
CA ASP B 31 31.62 -14.00 -10.39
C ASP B 31 32.01 -14.53 -11.77
N PRO B 32 31.04 -14.76 -12.69
CA PRO B 32 31.35 -15.18 -14.06
C PRO B 32 32.40 -14.29 -14.75
N ARG B 33 32.22 -12.96 -14.68
CA ARG B 33 33.22 -11.95 -15.13
C ARG B 33 34.21 -11.76 -13.98
N SER B 34 35.48 -11.52 -14.31
CA SER B 34 36.58 -11.21 -13.35
C SER B 34 36.99 -12.46 -12.55
N ARG B 35 36.17 -13.52 -12.55
CA ARG B 35 36.45 -14.83 -11.88
C ARG B 35 36.78 -14.60 -10.39
N ARG B 36 36.19 -13.57 -9.78
CA ARG B 36 36.37 -13.23 -8.34
C ARG B 36 35.50 -14.17 -7.50
N ARG B 37 36.03 -14.66 -6.38
CA ARG B 37 35.38 -15.74 -5.57
C ARG B 37 35.42 -15.35 -4.08
N TYR B 38 34.27 -15.40 -3.40
CA TYR B 38 34.08 -15.01 -1.98
C TYR B 38 33.55 -16.20 -1.19
N VAL B 39 34.01 -16.35 0.06
CA VAL B 39 33.59 -17.43 1.00
C VAL B 39 32.50 -16.88 1.92
N ARG B 40 31.31 -17.47 1.90
CA ARG B 40 30.14 -17.06 2.71
C ARG B 40 30.44 -17.30 4.20
N GLY B 41 30.70 -16.23 4.94
CA GLY B 41 31.03 -16.28 6.39
C GLY B 41 29.80 -16.12 7.26
N ARG B 42 29.95 -15.43 8.40
CA ARG B 42 28.92 -15.27 9.46
C ARG B 42 27.68 -14.58 8.88
N PHE B 43 26.49 -15.03 9.30
CA PHE B 43 25.18 -14.40 8.98
C PHE B 43 25.06 -13.08 9.76
N LEU B 44 24.67 -11.99 9.07
CA LEU B 44 24.58 -10.62 9.63
C LEU B 44 23.11 -10.23 9.89
N GLY B 45 22.19 -10.70 9.04
CA GLY B 45 20.74 -10.44 9.15
C GLY B 45 20.05 -10.46 7.80
N LYS B 46 18.73 -10.27 7.80
CA LYS B 46 17.88 -10.25 6.58
C LYS B 46 17.16 -8.90 6.49
N GLY B 47 17.11 -8.31 5.29
CA GLY B 47 16.36 -7.09 4.97
C GLY B 47 15.12 -7.41 4.14
N GLY B 48 14.03 -7.82 4.80
CA GLY B 48 12.76 -8.19 4.15
C GLY B 48 12.92 -9.38 3.23
N PHE B 49 13.20 -9.12 1.96
CA PHE B 49 13.31 -10.13 0.86
C PHE B 49 14.76 -10.63 0.74
N ALA B 50 15.73 -9.81 1.15
CA ALA B 50 17.19 -10.08 1.01
C ALA B 50 17.74 -10.68 2.32
N LYS B 51 18.81 -11.47 2.20
CA LYS B 51 19.64 -11.97 3.33
C LYS B 51 21.06 -11.43 3.17
N CYS B 52 21.71 -11.07 4.28
CA CYS B 52 23.07 -10.45 4.31
C CYS B 52 24.03 -11.34 5.09
N PHE B 53 25.23 -11.58 4.54
CA PHE B 53 26.29 -12.43 5.13
C PHE B 53 27.63 -11.69 5.08
N GLU B 54 28.45 -11.87 6.12
CA GLU B 54 29.88 -11.50 6.14
C GLU B 54 30.60 -12.42 5.15
N ILE B 55 31.22 -11.86 4.10
CA ILE B 55 31.93 -12.64 3.04
C ILE B 55 33.37 -12.12 2.93
N SER B 56 34.30 -12.98 2.51
CA SER B 56 35.75 -12.67 2.38
C SER B 56 36.28 -13.19 1.04
N ASP B 57 36.99 -12.31 0.30
CA ASP B 57 37.72 -12.65 -0.95
C ASP B 57 38.78 -13.70 -0.62
N ALA B 58 38.67 -14.89 -1.22
CA ALA B 58 39.55 -16.06 -0.98
C ALA B 58 41.02 -15.71 -1.29
N ASP B 59 41.24 -14.80 -2.24
CA ASP B 59 42.60 -14.37 -2.70
C ASP B 59 43.18 -13.33 -1.73
N THR B 60 42.54 -12.16 -1.61
CA THR B 60 43.07 -10.98 -0.87
C THR B 60 42.78 -11.09 0.63
N LYS B 61 41.75 -11.87 1.01
CA LYS B 61 41.29 -12.09 2.42
C LYS B 61 40.53 -10.86 2.93
N GLU B 62 40.17 -9.92 2.05
CA GLU B 62 39.42 -8.68 2.40
C GLU B 62 37.96 -9.04 2.64
N VAL B 63 37.41 -8.66 3.81
CA VAL B 63 36.04 -9.04 4.27
C VAL B 63 35.05 -7.94 3.86
N PHE B 64 33.89 -8.35 3.33
CA PHE B 64 32.81 -7.45 2.82
C PHE B 64 31.46 -7.88 3.39
N ALA B 65 30.43 -7.06 3.18
CA ALA B 65 29.01 -7.36 3.50
C ALA B 65 28.31 -7.78 2.20
N GLY B 66 27.97 -9.07 2.07
CA GLY B 66 27.33 -9.66 0.89
C GLY B 66 25.82 -9.66 1.02
N LYS B 67 25.13 -8.84 0.21
CA LYS B 67 23.64 -8.84 0.10
C LYS B 67 23.25 -9.85 -0.98
N ILE B 68 22.39 -10.82 -0.63
CA ILE B 68 22.01 -11.98 -1.48
C ILE B 68 20.48 -12.03 -1.62
N VAL B 69 19.98 -11.82 -2.84
CA VAL B 69 18.52 -11.76 -3.17
C VAL B 69 18.16 -12.96 -4.04
N PRO B 70 17.19 -13.82 -3.64
CA PRO B 70 16.71 -14.90 -4.51
C PRO B 70 16.03 -14.35 -5.77
N LYS B 71 16.46 -14.81 -6.94
CA LYS B 71 15.93 -14.37 -8.26
C LYS B 71 14.49 -14.87 -8.42
N SER B 72 14.10 -15.88 -7.65
CA SER B 72 12.71 -16.41 -7.54
C SER B 72 11.75 -15.29 -7.10
N LEU B 73 12.20 -14.38 -6.22
CA LEU B 73 11.38 -13.28 -5.64
C LEU B 73 11.47 -12.02 -6.52
N LEU B 74 12.23 -12.07 -7.62
CA LEU B 74 12.40 -10.94 -8.58
C LEU B 74 11.61 -11.22 -9.86
N LEU B 75 10.86 -12.33 -9.91
CA LEU B 75 10.11 -12.77 -11.12
C LEU B 75 9.09 -11.70 -11.53
N LYS B 76 8.53 -10.95 -10.57
CA LYS B 76 7.63 -9.80 -10.84
C LYS B 76 8.47 -8.64 -11.37
N PRO B 77 8.33 -8.24 -12.67
CA PRO B 77 9.14 -7.17 -13.24
C PRO B 77 9.29 -5.91 -12.37
N HIS B 78 8.26 -5.53 -11.60
CA HIS B 78 8.27 -4.29 -10.78
C HIS B 78 9.23 -4.45 -9.59
N GLN B 79 9.64 -5.68 -9.29
CA GLN B 79 10.69 -6.01 -8.27
C GLN B 79 12.08 -5.90 -8.91
N ARG B 80 12.21 -6.31 -10.18
CA ARG B 80 13.47 -6.21 -10.95
C ARG B 80 13.84 -4.73 -11.15
N GLU B 81 12.84 -3.88 -11.39
CA GLU B 81 13.03 -2.40 -11.49
C GLU B 81 13.63 -1.88 -10.18
N LYS B 82 13.04 -2.27 -9.05
CA LYS B 82 13.44 -1.85 -7.68
C LYS B 82 14.91 -2.24 -7.43
N MET B 83 15.26 -3.50 -7.75
CA MET B 83 16.62 -4.08 -7.54
C MET B 83 17.64 -3.35 -8.43
N SER B 84 17.34 -3.22 -9.73
CA SER B 84 18.24 -2.58 -10.73
CA SER B 84 18.24 -2.58 -10.73
C SER B 84 18.45 -1.11 -10.39
N MET B 85 17.40 -0.43 -9.93
CA MET B 85 17.42 1.02 -9.58
C MET B 85 18.29 1.23 -8.32
N GLU B 86 18.12 0.36 -7.32
CA GLU B 86 18.92 0.37 -6.07
C GLU B 86 20.41 0.27 -6.41
N ILE B 87 20.77 -0.70 -7.24
CA ILE B 87 22.18 -0.98 -7.68
C ILE B 87 22.71 0.22 -8.48
N SER B 88 21.94 0.66 -9.48
CA SER B 88 22.29 1.80 -10.38
C SER B 88 22.67 3.03 -9.55
N ILE B 89 21.87 3.35 -8.53
CA ILE B 89 22.07 4.53 -7.64
C ILE B 89 23.29 4.28 -6.75
N HIS B 90 23.33 3.15 -6.05
CA HIS B 90 24.36 2.83 -5.03
C HIS B 90 25.75 2.74 -5.67
N ARG B 91 25.86 2.18 -6.88
CA ARG B 91 27.15 1.96 -7.57
C ARG B 91 27.75 3.30 -8.03
N SER B 92 26.92 4.33 -8.21
CA SER B 92 27.34 5.67 -8.68
C SER B 92 27.84 6.54 -7.52
N LEU B 93 27.61 6.12 -6.26
CA LEU B 93 27.96 6.89 -5.04
C LEU B 93 29.33 6.48 -4.51
N ALA B 94 30.11 7.44 -4.02
CA ALA B 94 31.41 7.26 -3.34
C ALA B 94 31.65 8.42 -2.36
N HIS B 95 31.42 8.18 -1.07
CA HIS B 95 31.57 9.17 0.03
C HIS B 95 31.86 8.43 1.34
N GLN B 96 32.63 9.04 2.25
CA GLN B 96 33.11 8.38 3.49
C GLN B 96 31.95 8.18 4.47
N HIS B 97 30.79 8.81 4.24
CA HIS B 97 29.55 8.67 5.05
C HIS B 97 28.46 7.95 4.25
N VAL B 98 28.86 7.21 3.21
CA VAL B 98 27.96 6.32 2.41
C VAL B 98 28.62 4.95 2.30
N VAL B 99 27.86 3.89 2.58
CA VAL B 99 28.32 2.48 2.48
C VAL B 99 28.94 2.28 1.08
N GLY B 100 30.21 1.90 1.04
CA GLY B 100 30.95 1.60 -0.21
C GLY B 100 30.29 0.50 -1.00
N PHE B 101 30.23 0.64 -2.32
CA PHE B 101 29.74 -0.37 -3.29
C PHE B 101 30.92 -0.92 -4.08
N HIS B 102 31.29 -2.17 -3.84
CA HIS B 102 32.55 -2.80 -4.35
C HIS B 102 32.27 -3.65 -5.59
N GLY B 103 31.00 -3.91 -5.91
CA GLY B 103 30.59 -4.61 -7.14
C GLY B 103 29.37 -5.49 -6.92
N PHE B 104 28.77 -5.96 -8.03
CA PHE B 104 27.61 -6.89 -8.04
C PHE B 104 27.81 -7.93 -9.15
N PHE B 105 27.10 -9.05 -9.04
CA PHE B 105 27.07 -10.15 -10.03
C PHE B 105 25.90 -11.08 -9.69
N GLU B 106 25.66 -12.09 -10.53
CA GLU B 106 24.52 -13.03 -10.37
C GLU B 106 24.88 -14.40 -10.96
N ASP B 107 24.31 -15.46 -10.38
CA ASP B 107 24.16 -16.80 -11.01
C ASP B 107 22.69 -16.92 -11.45
N ASN B 108 22.22 -18.12 -11.78
CA ASN B 108 20.86 -18.36 -12.34
C ASN B 108 19.80 -18.35 -11.23
N ASP B 109 20.22 -18.39 -9.96
CA ASP B 109 19.31 -18.54 -8.79
C ASP B 109 19.30 -17.28 -7.92
N PHE B 110 20.40 -16.52 -7.85
CA PHE B 110 20.59 -15.40 -6.90
C PHE B 110 21.31 -14.21 -7.55
N VAL B 111 21.07 -13.01 -7.01
CA VAL B 111 21.84 -11.76 -7.30
C VAL B 111 22.70 -11.44 -6.08
N PHE B 112 23.99 -11.21 -6.28
CA PHE B 112 25.00 -10.95 -5.21
C PHE B 112 25.49 -9.51 -5.32
N VAL B 113 25.37 -8.73 -4.23
CA VAL B 113 25.86 -7.33 -4.11
C VAL B 113 26.91 -7.27 -3.00
N VAL B 114 28.11 -6.79 -3.32
CA VAL B 114 29.29 -6.72 -2.40
C VAL B 114 29.41 -5.29 -1.89
N LEU B 115 29.21 -5.10 -0.58
CA LEU B 115 29.15 -3.76 0.09
C LEU B 115 30.21 -3.68 1.19
N GLU B 116 30.58 -2.46 1.58
CA GLU B 116 31.48 -2.17 2.72
C GLU B 116 30.92 -2.84 3.97
N LEU B 117 31.77 -3.51 4.75
CA LEU B 117 31.40 -4.10 6.06
C LEU B 117 31.51 -3.02 7.14
N CYS B 118 30.41 -2.77 7.85
CA CYS B 118 30.31 -1.84 9.01
C CYS B 118 30.15 -2.68 10.28
N ARG B 119 31.27 -2.98 10.96
CA ARG B 119 31.42 -4.05 11.98
C ARG B 119 30.55 -3.79 13.21
N ARG B 120 30.14 -2.54 13.46
CA ARG B 120 29.34 -2.16 14.67
C ARG B 120 27.88 -1.94 14.28
N ARG B 121 27.42 -2.62 13.22
CA ARG B 121 25.98 -2.73 12.85
C ARG B 121 25.44 -1.32 12.56
N SER B 122 24.40 -0.86 13.26
CA SER B 122 23.70 0.41 12.97
C SER B 122 23.24 1.12 14.24
N LEU B 123 22.77 2.36 14.10
CA LEU B 123 22.25 3.20 15.21
C LEU B 123 21.01 2.55 15.86
N LEU B 124 20.32 1.64 15.17
CA LEU B 124 19.14 0.94 15.74
C LEU B 124 19.57 0.10 16.94
N GLU B 125 20.68 -0.65 16.83
CA GLU B 125 21.19 -1.55 17.88
C GLU B 125 21.70 -0.70 19.06
N LEU B 126 22.42 0.37 18.76
CA LEU B 126 22.89 1.38 19.75
C LEU B 126 21.69 1.92 20.54
N HIS B 127 20.67 2.43 19.83
CA HIS B 127 19.46 3.06 20.42
C HIS B 127 18.70 2.06 21.30
N LYS B 128 18.65 0.78 20.90
CA LYS B 128 17.93 -0.28 21.66
C LYS B 128 18.63 -0.50 23.00
N ARG B 129 19.96 -0.35 23.04
CA ARG B 129 20.80 -0.64 24.23
C ARG B 129 20.89 0.61 25.12
N ARG B 130 21.12 1.79 24.52
CA ARG B 130 21.42 3.07 25.24
C ARG B 130 20.14 3.87 25.47
N LYS B 131 19.15 3.74 24.58
CA LYS B 131 17.95 4.63 24.52
C LYS B 131 18.45 6.06 24.26
N ALA B 132 18.03 7.05 25.04
CA ALA B 132 18.38 8.48 24.84
C ALA B 132 19.88 8.65 24.97
N LEU B 133 20.53 9.20 23.93
CA LEU B 133 21.96 9.56 23.91
C LEU B 133 22.16 10.92 24.60
N THR B 134 23.40 11.24 24.97
CA THR B 134 23.82 12.60 25.38
C THR B 134 23.82 13.50 24.13
N GLU B 135 23.73 14.82 24.32
CA GLU B 135 23.63 15.81 23.22
C GLU B 135 24.89 15.76 22.35
N PRO B 136 26.11 15.71 22.93
CA PRO B 136 27.34 15.62 22.12
C PRO B 136 27.39 14.38 21.21
N GLU B 137 26.95 13.21 21.73
CA GLU B 137 26.81 11.96 20.93
C GLU B 137 25.81 12.18 19.79
N ALA B 138 24.62 12.68 20.10
CA ALA B 138 23.55 12.99 19.12
C ALA B 138 24.15 13.87 18.02
N ARG B 139 24.84 14.95 18.41
CA ARG B 139 25.45 15.97 17.51
C ARG B 139 26.53 15.31 16.64
N TYR B 140 27.37 14.46 17.23
CA TYR B 140 28.44 13.70 16.54
C TYR B 140 27.82 12.87 15.40
N TYR B 141 26.81 12.07 15.71
CA TYR B 141 26.14 11.14 14.74
C TYR B 141 25.40 11.97 13.69
N LEU B 142 24.63 12.98 14.11
CA LEU B 142 23.73 13.78 13.23
C LEU B 142 24.56 14.56 12.20
N ARG B 143 25.74 15.07 12.58
CA ARG B 143 26.61 15.85 11.65
CA ARG B 143 26.64 15.84 11.67
C ARG B 143 27.04 14.95 10.49
N GLN B 144 27.42 13.70 10.77
CA GLN B 144 27.87 12.72 9.74
C GLN B 144 26.67 12.31 8.87
N ILE B 145 25.50 12.11 9.46
CA ILE B 145 24.25 11.77 8.73
C ILE B 145 23.96 12.89 7.73
N VAL B 146 24.09 14.15 8.16
CA VAL B 146 23.80 15.36 7.33
C VAL B 146 24.87 15.46 6.21
N LEU B 147 26.15 15.25 6.55
CA LEU B 147 27.26 15.27 5.57
C LEU B 147 27.00 14.24 4.46
N GLY B 148 26.61 13.02 4.84
CA GLY B 148 26.26 11.94 3.88
C GLY B 148 25.11 12.35 2.98
N CYS B 149 24.04 12.89 3.57
CA CYS B 149 22.79 13.28 2.86
C CYS B 149 23.06 14.49 1.94
N GLN B 150 23.95 15.39 2.39
CA GLN B 150 24.39 16.58 1.60
C GLN B 150 25.01 16.13 0.28
N TYR B 151 25.88 15.11 0.34
CA TYR B 151 26.53 14.48 -0.83
C TYR B 151 25.46 13.87 -1.75
N LEU B 152 24.48 13.16 -1.19
CA LEU B 152 23.37 12.53 -1.96
C LEU B 152 22.60 13.61 -2.72
N HIS B 153 22.14 14.65 -2.02
CA HIS B 153 21.29 15.75 -2.57
C HIS B 153 22.05 16.52 -3.65
N ARG B 154 23.35 16.72 -3.48
CA ARG B 154 24.22 17.42 -4.47
C ARG B 154 24.33 16.56 -5.74
N ASN B 155 24.20 15.24 -5.60
CA ASN B 155 24.23 14.26 -6.72
C ASN B 155 22.79 13.93 -7.17
N ARG B 156 21.81 14.77 -6.83
CA ARG B 156 20.39 14.65 -7.25
C ARG B 156 19.84 13.27 -6.84
N VAL B 157 20.14 12.81 -5.62
CA VAL B 157 19.59 11.54 -5.06
C VAL B 157 18.80 11.85 -3.78
N ILE B 158 17.57 11.34 -3.70
CA ILE B 158 16.71 11.33 -2.47
C ILE B 158 16.69 9.90 -1.95
N HIS B 159 17.05 9.69 -0.68
CA HIS B 159 17.10 8.35 -0.03
C HIS B 159 15.68 7.85 0.22
N ARG B 160 14.83 8.68 0.85
CA ARG B 160 13.37 8.47 1.06
C ARG B 160 13.10 7.39 2.13
N ASP B 161 14.12 6.84 2.78
CA ASP B 161 13.94 5.81 3.84
C ASP B 161 15.12 5.85 4.83
N LEU B 162 15.59 7.05 5.20
CA LEU B 162 16.60 7.21 6.29
C LEU B 162 15.97 6.78 7.60
N LYS B 163 16.58 5.81 8.28
CA LYS B 163 16.17 5.32 9.63
C LYS B 163 17.41 4.83 10.37
N LEU B 164 17.29 4.57 11.68
CA LEU B 164 18.41 4.10 12.54
C LEU B 164 19.00 2.82 11.95
N GLY B 165 18.15 1.97 11.34
CA GLY B 165 18.49 0.61 10.89
C GLY B 165 19.38 0.59 9.65
N ASN B 166 19.45 1.69 8.88
CA ASN B 166 20.28 1.78 7.66
C ASN B 166 21.29 2.92 7.79
N LEU B 167 21.50 3.42 9.02
CA LEU B 167 22.64 4.30 9.39
C LEU B 167 23.67 3.42 10.09
N PHE B 168 24.56 2.81 9.30
CA PHE B 168 25.53 1.78 9.75
C PHE B 168 26.73 2.47 10.42
N LEU B 169 27.45 1.71 11.28
CA LEU B 169 28.62 2.17 12.07
C LEU B 169 29.81 1.23 11.81
N ASN B 170 30.97 1.76 11.43
CA ASN B 170 32.22 0.99 11.22
C ASN B 170 32.95 0.84 12.56
N GLU B 171 34.17 0.29 12.53
CA GLU B 171 35.03 0.01 13.70
CA GLU B 171 34.98 0.00 13.74
C GLU B 171 35.17 1.28 14.56
N ASP B 172 35.37 2.44 13.92
CA ASP B 172 35.64 3.74 14.58
C ASP B 172 34.34 4.49 14.89
N LEU B 173 33.19 3.83 14.79
CA LEU B 173 31.84 4.42 14.98
C LEU B 173 31.64 5.65 14.08
N GLU B 174 32.08 5.56 12.82
CA GLU B 174 31.76 6.56 11.76
C GLU B 174 30.47 6.11 11.08
N VAL B 175 29.54 7.03 10.85
CA VAL B 175 28.20 6.74 10.24
C VAL B 175 28.39 6.51 8.74
N LYS B 176 27.74 5.46 8.22
CA LYS B 176 27.67 5.11 6.78
C LYS B 176 26.20 4.91 6.40
N ILE B 177 25.67 5.75 5.50
CA ILE B 177 24.28 5.63 4.97
C ILE B 177 24.27 4.48 3.95
N GLY B 178 23.41 3.49 4.16
CA GLY B 178 23.19 2.37 3.22
C GLY B 178 21.72 2.20 2.88
N ASP B 179 21.38 1.12 2.17
CA ASP B 179 19.99 0.67 1.90
C ASP B 179 19.29 1.71 1.02
N PHE B 180 19.58 1.69 -0.28
CA PHE B 180 18.99 2.60 -1.30
C PHE B 180 17.82 1.89 -1.99
N GLY B 181 17.07 1.08 -1.24
CA GLY B 181 15.94 0.27 -1.73
C GLY B 181 14.76 1.11 -2.20
N LEU B 182 14.56 2.30 -1.62
CA LEU B 182 13.45 3.23 -1.95
C LEU B 182 13.99 4.50 -2.59
N ALA B 183 15.30 4.58 -2.85
CA ALA B 183 15.98 5.79 -3.38
C ALA B 183 15.55 6.03 -4.83
N THR B 184 15.46 7.30 -5.23
CA THR B 184 15.17 7.77 -6.61
C THR B 184 16.18 8.86 -6.99
N LYS B 185 16.49 8.96 -8.29
CA LYS B 185 17.37 10.02 -8.86
C LYS B 185 16.48 11.08 -9.51
N VAL B 186 16.72 12.36 -9.20
CA VAL B 186 15.97 13.53 -9.74
C VAL B 186 16.54 13.87 -11.13
N GLU B 187 15.69 13.85 -12.17
CA GLU B 187 16.11 13.98 -13.59
C GLU B 187 16.18 15.46 -13.98
N TYR B 188 15.37 16.33 -13.38
CA TYR B 188 15.28 17.77 -13.76
C TYR B 188 14.93 18.64 -12.55
N ASP B 189 15.22 19.94 -12.68
CA ASP B 189 15.01 21.00 -11.66
C ASP B 189 13.52 21.13 -11.37
N GLY B 190 13.12 20.86 -10.14
CA GLY B 190 11.74 21.07 -9.63
C GLY B 190 10.87 19.83 -9.83
N GLU B 191 11.46 18.69 -10.22
CA GLU B 191 10.75 17.39 -10.32
C GLU B 191 10.22 17.00 -8.93
N ARG B 192 8.93 16.64 -8.86
CA ARG B 192 8.26 16.08 -7.65
C ARG B 192 7.85 14.64 -7.98
N LYS B 193 8.10 13.71 -7.05
CA LYS B 193 7.91 12.25 -7.22
C LYS B 193 6.65 11.81 -6.46
N LYS B 194 5.98 10.76 -6.96
CA LYS B 194 4.74 10.20 -6.34
C LYS B 194 5.00 8.76 -5.87
N THR B 195 5.41 7.88 -6.78
CA THR B 195 5.43 6.40 -6.58
C THR B 195 6.63 6.01 -5.72
N LEU B 196 6.38 5.21 -4.68
CA LEU B 196 7.39 4.49 -3.85
C LEU B 196 7.15 2.98 -4.00
N CYS B 197 8.22 2.20 -4.12
CA CYS B 197 8.17 0.72 -4.29
C CYS B 197 8.15 0.02 -2.93
N GLY B 198 8.02 0.79 -1.83
CA GLY B 198 7.88 0.29 -0.45
C GLY B 198 7.41 1.39 0.48
N THR B 199 7.27 1.08 1.77
CA THR B 199 6.74 2.01 2.82
C THR B 199 7.88 2.51 3.70
N PRO B 200 8.32 3.78 3.56
CA PRO B 200 9.35 4.34 4.43
C PRO B 200 9.00 4.21 5.92
N ASN B 201 10.02 4.11 6.77
CA ASN B 201 9.88 4.00 8.25
C ASN B 201 9.27 5.30 8.79
N TYR B 202 9.85 6.45 8.44
CA TYR B 202 9.38 7.80 8.80
C TYR B 202 8.63 8.40 7.60
N ILE B 203 7.30 8.28 7.58
CA ILE B 203 6.40 8.78 6.49
C ILE B 203 6.22 10.30 6.66
N ALA B 204 6.87 11.10 5.80
CA ALA B 204 6.66 12.57 5.72
C ALA B 204 5.20 12.85 5.36
N PRO B 205 4.61 13.96 5.85
CA PRO B 205 3.21 14.28 5.58
C PRO B 205 2.84 14.40 4.09
N GLU B 206 3.78 14.80 3.23
CA GLU B 206 3.57 14.95 1.77
C GLU B 206 3.57 13.59 1.08
N VAL B 207 4.15 12.57 1.70
CA VAL B 207 4.12 11.16 1.19
C VAL B 207 2.80 10.51 1.63
N LEU B 208 2.38 10.75 2.89
CA LEU B 208 1.08 10.26 3.45
C LEU B 208 -0.09 10.80 2.61
N SER B 209 -0.04 12.09 2.26
CA SER B 209 -1.14 12.80 1.54
C SER B 209 -1.03 12.58 0.03
N ASP B 210 0.06 11.97 -0.45
CA ASP B 210 0.28 11.63 -1.88
C ASP B 210 0.27 12.91 -2.70
N ALA B 211 0.95 13.95 -2.20
CA ALA B 211 0.93 15.34 -2.73
C ALA B 211 2.09 15.56 -3.71
N GLY B 212 2.98 14.58 -3.87
CA GLY B 212 4.28 14.75 -4.53
C GLY B 212 5.35 15.15 -3.52
N HIS B 213 6.60 14.72 -3.73
CA HIS B 213 7.72 14.98 -2.78
C HIS B 213 9.04 15.11 -3.53
N SER B 214 10.03 15.72 -2.87
CA SER B 214 11.41 15.93 -3.38
C SER B 214 12.40 15.72 -2.22
N PHE B 215 13.51 16.47 -2.19
CA PHE B 215 14.64 16.33 -1.24
C PHE B 215 14.18 16.52 0.21
N GLU B 216 13.07 17.21 0.43
CA GLU B 216 12.63 17.65 1.79
C GLU B 216 12.25 16.44 2.66
N VAL B 217 11.86 15.29 2.07
CA VAL B 217 11.49 14.07 2.85
C VAL B 217 12.70 13.61 3.69
N ASP B 218 13.91 13.73 3.14
CA ASP B 218 15.17 13.31 3.82
C ASP B 218 15.37 14.17 5.09
N VAL B 219 15.07 15.46 5.01
CA VAL B 219 15.22 16.41 6.16
C VAL B 219 14.19 16.04 7.23
N TRP B 220 12.95 15.70 6.82
CA TRP B 220 11.88 15.24 7.73
C TRP B 220 12.38 14.04 8.55
N SER B 221 12.91 13.01 7.88
CA SER B 221 13.35 11.75 8.51
C SER B 221 14.54 12.03 9.44
N ILE B 222 15.47 12.90 9.02
CA ILE B 222 16.61 13.38 9.87
C ILE B 222 16.05 14.08 11.11
N GLY B 223 14.94 14.80 10.96
CA GLY B 223 14.18 15.41 12.07
C GLY B 223 13.67 14.35 13.05
N CYS B 224 13.06 13.28 12.55
CA CYS B 224 12.52 12.14 13.35
C CYS B 224 13.69 11.42 14.04
N ILE B 225 14.81 11.25 13.33
CA ILE B 225 16.03 10.54 13.82
C ILE B 225 16.64 11.34 14.98
N MET B 226 16.84 12.65 14.78
CA MET B 226 17.40 13.57 15.82
C MET B 226 16.54 13.45 17.08
N TYR B 227 15.22 13.53 16.94
CA TYR B 227 14.24 13.42 18.05
C TYR B 227 14.50 12.11 18.81
N THR B 228 14.53 10.98 18.09
CA THR B 228 14.64 9.62 18.67
C THR B 228 15.95 9.50 19.46
N LEU B 229 17.04 10.04 18.94
CA LEU B 229 18.39 9.95 19.56
C LEU B 229 18.42 10.72 20.89
N LEU B 230 17.78 11.90 20.95
CA LEU B 230 17.82 12.79 22.13
C LEU B 230 16.73 12.39 23.14
N VAL B 231 15.57 11.93 22.67
CA VAL B 231 14.36 11.66 23.51
C VAL B 231 14.34 10.18 23.92
N GLY B 232 14.81 9.27 23.06
CA GLY B 232 14.85 7.82 23.31
C GLY B 232 13.58 7.11 22.85
N LYS B 233 12.73 7.78 22.06
CA LYS B 233 11.56 7.14 21.39
C LYS B 233 11.15 8.00 20.19
N PRO B 234 10.44 7.42 19.20
CA PRO B 234 10.06 8.17 17.98
C PRO B 234 9.05 9.28 18.26
N PRO B 235 9.06 10.37 17.47
CA PRO B 235 8.19 11.52 17.71
C PRO B 235 6.68 11.29 17.54
N PHE B 236 6.28 10.44 16.58
CA PHE B 236 4.87 10.25 16.17
C PHE B 236 4.37 8.84 16.53
N GLU B 237 5.24 7.84 16.43
CA GLU B 237 4.86 6.40 16.59
C GLU B 237 4.09 6.21 17.91
N THR B 238 2.86 5.68 17.81
CA THR B 238 2.00 5.27 18.94
C THR B 238 1.85 3.74 18.88
N SER B 239 0.95 3.17 19.70
CA SER B 239 0.68 1.72 19.75
C SER B 239 -0.10 1.24 18.51
N CYS B 240 -0.84 2.13 17.85
CA CYS B 240 -1.63 1.82 16.61
C CYS B 240 -1.28 2.80 15.49
N LEU B 241 -1.14 2.29 14.26
CA LEU B 241 -0.70 3.07 13.07
C LEU B 241 -1.74 4.12 12.68
N LYS B 242 -3.03 3.89 12.98
CA LYS B 242 -4.13 4.83 12.61
C LYS B 242 -3.91 6.16 13.33
N GLU B 243 -3.59 6.12 14.64
CA GLU B 243 -3.32 7.31 15.47
C GLU B 243 -1.98 7.94 15.06
N THR B 244 -0.98 7.10 14.76
CA THR B 244 0.38 7.52 14.31
C THR B 244 0.24 8.44 13.09
N TYR B 245 -0.51 8.01 12.07
CA TYR B 245 -0.61 8.69 10.75
C TYR B 245 -1.50 9.94 10.87
N LEU B 246 -2.46 9.94 11.80
CA LEU B 246 -3.32 11.13 12.09
C LEU B 246 -2.44 12.22 12.74
N ARG B 247 -1.52 11.83 13.64
CA ARG B 247 -0.60 12.74 14.35
C ARG B 247 0.36 13.39 13.34
N ILE B 248 0.84 12.62 12.35
CA ILE B 248 1.77 13.10 11.27
C ILE B 248 1.02 14.10 10.39
N LYS B 249 -0.21 13.75 9.97
CA LYS B 249 -1.09 14.59 9.12
C LYS B 249 -1.25 15.97 9.77
N LYS B 250 -1.57 16.01 11.07
CA LYS B 250 -1.90 17.25 11.83
C LYS B 250 -0.65 17.83 12.50
N ASN B 251 0.51 17.17 12.36
CA ASN B 251 1.82 17.61 12.92
C ASN B 251 1.72 17.70 14.45
N GLU B 252 1.12 16.68 15.07
CA GLU B 252 0.91 16.58 16.54
C GLU B 252 2.06 15.78 17.16
N TYR B 253 2.97 16.45 17.85
CA TYR B 253 4.09 15.84 18.62
C TYR B 253 4.51 16.80 19.73
N SER B 254 5.13 16.25 20.78
CA SER B 254 5.54 16.97 22.00
C SER B 254 7.05 16.76 22.24
N ILE B 255 7.81 17.84 22.39
CA ILE B 255 9.26 17.81 22.76
C ILE B 255 9.34 17.94 24.28
N PRO B 256 9.91 16.94 24.99
CA PRO B 256 10.11 17.04 26.44
C PRO B 256 10.91 18.29 26.84
N LYS B 257 10.55 18.89 27.98
CA LYS B 257 11.12 20.16 28.49
C LYS B 257 12.61 19.98 28.80
N HIS B 258 13.07 18.74 29.01
CA HIS B 258 14.49 18.41 29.36
C HIS B 258 15.39 18.59 28.13
N ILE B 259 14.84 18.63 26.91
CA ILE B 259 15.62 18.87 25.66
C ILE B 259 16.09 20.32 25.66
N ASN B 260 17.33 20.57 25.23
CA ASN B 260 17.96 21.91 25.22
C ASN B 260 17.25 22.78 24.19
N PRO B 261 17.17 24.11 24.41
CA PRO B 261 16.37 24.99 23.56
C PRO B 261 16.83 25.02 22.09
N VAL B 262 18.14 24.98 21.86
CA VAL B 262 18.74 25.06 20.49
C VAL B 262 18.38 23.78 19.71
N ALA B 263 18.50 22.61 20.36
CA ALA B 263 18.14 21.29 19.80
C ALA B 263 16.62 21.24 19.52
N ALA B 264 15.81 21.64 20.50
CA ALA B 264 14.33 21.69 20.41
C ALA B 264 13.92 22.54 19.21
N SER B 265 14.57 23.69 19.05
CA SER B 265 14.35 24.65 17.92
C SER B 265 14.60 23.96 16.58
N LEU B 266 15.72 23.24 16.44
CA LEU B 266 16.14 22.60 15.17
C LEU B 266 15.16 21.48 14.79
N ILE B 267 14.68 20.71 15.77
CA ILE B 267 13.67 19.62 15.57
C ILE B 267 12.38 20.26 15.03
N GLN B 268 11.98 21.41 15.59
CA GLN B 268 10.73 22.14 15.20
C GLN B 268 10.84 22.61 13.75
N LYS B 269 12.03 23.02 13.31
CA LYS B 269 12.29 23.52 11.93
C LYS B 269 12.13 22.35 10.95
N MET B 270 12.69 21.19 11.27
CA MET B 270 12.72 20.00 10.37
C MET B 270 11.34 19.34 10.32
N LEU B 271 10.67 19.19 11.47
CA LEU B 271 9.34 18.53 11.57
C LEU B 271 8.22 19.56 11.37
N GLN B 272 8.08 20.07 10.14
CA GLN B 272 7.00 20.98 9.70
C GLN B 272 6.24 20.35 8.54
N THR B 273 4.92 20.48 8.53
CA THR B 273 4.01 19.90 7.50
C THR B 273 4.38 20.45 6.12
N ASP B 274 4.60 21.76 6.02
CA ASP B 274 5.00 22.47 4.78
C ASP B 274 6.43 22.07 4.44
N PRO B 275 6.68 21.32 3.34
CA PRO B 275 8.03 20.91 2.98
C PRO B 275 8.97 22.10 2.67
N THR B 276 8.42 23.19 2.13
CA THR B 276 9.18 24.40 1.72
C THR B 276 9.66 25.19 2.96
N ALA B 277 9.04 24.94 4.12
CA ALA B 277 9.32 25.63 5.40
C ALA B 277 10.54 25.04 6.10
N ARG B 278 10.88 23.78 5.78
CA ARG B 278 11.99 23.03 6.42
C ARG B 278 13.32 23.58 5.93
N PRO B 279 14.41 23.46 6.71
CA PRO B 279 15.75 23.78 6.20
C PRO B 279 16.13 22.81 5.07
N THR B 280 16.87 23.28 4.07
CA THR B 280 17.61 22.41 3.12
C THR B 280 18.73 21.72 3.89
N ILE B 281 19.34 20.70 3.30
CA ILE B 281 20.45 19.92 3.90
C ILE B 281 21.68 20.83 4.12
N ASN B 282 21.85 21.86 3.29
CA ASN B 282 22.97 22.83 3.38
C ASN B 282 22.75 23.76 4.58
N GLU B 283 21.51 24.25 4.75
CA GLU B 283 21.11 25.15 5.87
C GLU B 283 21.12 24.36 7.19
N LEU B 284 20.76 23.08 7.12
CA LEU B 284 20.72 22.17 8.29
C LEU B 284 22.10 22.12 8.94
N LEU B 285 23.14 21.88 8.14
CA LEU B 285 24.56 21.76 8.60
C LEU B 285 25.03 23.06 9.27
N ASN B 286 24.54 24.21 8.83
N ASN B 286 24.52 24.21 8.84
CA ASN B 286 24.94 25.56 9.30
CA ASN B 286 24.94 25.56 9.31
C ASN B 286 24.04 26.02 10.45
C ASN B 286 24.09 26.02 10.52
N ASP B 287 23.32 25.12 11.12
CA ASP B 287 22.45 25.46 12.29
C ASP B 287 23.34 25.66 13.54
N GLU B 288 22.89 26.49 14.46
CA GLU B 288 23.57 26.83 15.75
C GLU B 288 23.87 25.55 16.54
N PHE B 289 22.99 24.54 16.44
CA PHE B 289 23.14 23.22 17.09
C PHE B 289 24.52 22.63 16.78
N PHE B 290 24.98 22.77 15.53
CA PHE B 290 26.26 22.19 15.03
C PHE B 290 27.41 23.19 15.20
N THR B 291 27.18 24.46 14.85
CA THR B 291 28.23 25.51 14.79
C THR B 291 28.64 25.94 16.20
N SER B 292 27.70 25.95 17.16
CA SER B 292 27.91 26.46 18.54
C SER B 292 27.94 25.34 19.57
N GLY B 293 27.67 24.09 19.18
CA GLY B 293 27.64 22.92 20.08
C GLY B 293 28.97 22.16 20.07
N TYR B 294 29.30 21.48 21.16
CA TYR B 294 30.53 20.64 21.28
C TYR B 294 30.37 19.36 20.44
N ILE B 295 31.26 19.17 19.46
CA ILE B 295 31.31 17.97 18.58
C ILE B 295 32.59 17.19 18.90
N PRO B 296 32.49 16.00 19.53
CA PRO B 296 33.66 15.14 19.71
C PRO B 296 34.27 14.74 18.36
N ALA B 297 35.60 14.66 18.29
CA ALA B 297 36.36 14.20 17.11
C ALA B 297 36.19 12.69 16.96
N ARG B 298 36.25 11.97 18.09
CA ARG B 298 36.07 10.50 18.18
C ARG B 298 35.05 10.20 19.29
N LEU B 299 34.43 9.02 19.25
CA LEU B 299 33.65 8.43 20.38
C LEU B 299 34.32 7.13 20.80
N PRO B 300 34.51 6.89 22.11
CA PRO B 300 35.11 5.64 22.58
C PRO B 300 34.12 4.48 22.36
N ILE B 301 34.64 3.26 22.22
CA ILE B 301 33.86 2.05 21.81
C ILE B 301 32.85 1.68 22.91
N THR B 302 33.09 2.12 24.16
CA THR B 302 32.20 1.92 25.33
C THR B 302 30.86 2.63 25.12
N CYS B 303 30.78 3.60 24.19
CA CYS B 303 29.54 4.41 23.96
CA CYS B 303 29.56 4.41 23.92
C CYS B 303 28.44 3.53 23.38
N LEU B 304 28.77 2.34 22.86
CA LEU B 304 27.77 1.35 22.37
C LEU B 304 26.88 0.87 23.52
N THR B 305 27.39 0.84 24.77
CA THR B 305 26.72 0.19 25.92
C THR B 305 26.55 1.11 27.14
N ILE B 306 27.40 2.14 27.31
CA ILE B 306 27.39 3.01 28.51
C ILE B 306 27.62 4.46 28.12
N PRO B 307 26.99 5.45 28.81
CA PRO B 307 27.12 6.86 28.46
C PRO B 307 28.51 7.42 28.76
N PRO B 308 29.16 8.10 27.79
CA PRO B 308 30.49 8.69 28.01
C PRO B 308 30.44 10.01 28.79
N ARG B 309 31.58 10.39 29.39
CA ARG B 309 31.80 11.70 30.06
C ARG B 309 32.47 12.65 29.06
N PHE B 310 32.13 13.94 29.12
CA PHE B 310 32.77 15.03 28.33
C PHE B 310 33.07 16.22 29.26
#